data_6YIR
#
_entry.id   6YIR
#
_cell.length_a   86.758
_cell.length_b   94.247
_cell.length_c   132.263
_cell.angle_alpha   90.000
_cell.angle_beta   90.000
_cell.angle_gamma   90.000
#
_symmetry.space_group_name_H-M   'I 2 2 2'
#
loop_
_entity.id
_entity.type
_entity.pdbx_description
1 polymer 'Oligosaccharides import ATP-binding protein MsmX'
2 non-polymer 'SULFATE ION'
3 non-polymer 'TRIETHYLENE GLYCOL'
4 water water
#
_entity_poly.entity_id   1
_entity_poly.type   'polypeptide(L)'
_entity_poly.pdbx_seq_one_letter_code
;MAELRMEHIYKFYDQKEPAVDDFNLHIADKEFIVFVGPSGCGASTTLRMVAGLEEISKGDFYIEGKRVNDVAPKDRDIAM
VFQNYALYPHMTVYDNIAFGLKLRKMPKPEIKKRVEEAAKILGLEEYLHRKPKALSGGQRQRVALGRAIVRDAKVFLMDE
PLSNLDAKLRVQMRAEIIKLHQRLQTTTIYVTHDQTEALTMATRIVVMKDGKIQQIGTPKDVYEFPENVFVGGFIGSPAM
NFFKGKLTDGLIKIGSAALTVPEGKMKVLREKGYIGKEVIFGIRPEDIHDELIVVESYKNSSIKAKINVAELLGSEIMIY
SQIDNQDFIARIDARLDIQSGDELTVAFDMNKGHFFDSETEVRIRLEHHHHHH
;
_entity_poly.pdbx_strand_id   A
#
# COMPACT_ATOMS: atom_id res chain seq x y z
N ALA A 2 -2.04 -20.51 0.46
CA ALA A 2 -3.40 -20.80 0.01
C ALA A 2 -3.90 -19.72 -0.97
N GLU A 3 -4.85 -20.11 -1.82
CA GLU A 3 -5.56 -19.22 -2.68
C GLU A 3 -6.80 -18.83 -1.97
N LEU A 4 -7.12 -17.55 -2.03
CA LEU A 4 -8.33 -16.98 -1.42
C LEU A 4 -9.15 -16.36 -2.51
N ARG A 5 -10.48 -16.48 -2.41
CA ARG A 5 -11.39 -15.77 -3.31
C ARG A 5 -12.47 -15.11 -2.54
N MET A 6 -12.57 -13.81 -2.75
CA MET A 6 -13.70 -12.94 -2.30
C MET A 6 -14.55 -12.61 -3.51
N GLU A 7 -15.77 -13.19 -3.52
CA GLU A 7 -16.71 -13.06 -4.64
C GLU A 7 -17.87 -12.20 -4.23
N HIS A 8 -17.84 -10.94 -4.66
CA HIS A 8 -18.92 -9.95 -4.48
C HIS A 8 -19.37 -9.82 -3.08
N ILE A 9 -18.41 -9.64 -2.18
CA ILE A 9 -18.69 -9.57 -0.77
C ILE A 9 -19.22 -8.19 -0.34
N TYR A 10 -20.21 -8.21 0.54
CA TYR A 10 -20.82 -6.97 1.07
C TYR A 10 -20.90 -7.11 2.57
N LYS A 11 -20.82 -5.99 3.26
CA LYS A 11 -21.10 -5.88 4.69
C LYS A 11 -21.99 -4.68 4.88
N PHE A 12 -23.17 -4.90 5.47
CA PHE A 12 -24.12 -3.85 5.89
C PHE A 12 -24.25 -3.92 7.41
N TYR A 13 -24.39 -2.77 8.06
CA TYR A 13 -24.80 -2.71 9.48
C TYR A 13 -26.25 -2.18 9.59
N ASP A 14 -26.47 -1.18 10.46
CA ASP A 14 -27.80 -0.60 10.68
C ASP A 14 -28.31 0.20 9.47
N GLN A 15 -27.50 1.13 8.95
CA GLN A 15 -27.89 1.96 7.79
C GLN A 15 -27.83 1.17 6.48
N LYS A 16 -28.57 1.62 5.47
CA LYS A 16 -28.80 0.83 4.24
C LYS A 16 -27.77 1.12 3.14
N GLU A 17 -26.83 2.03 3.41
CA GLU A 17 -25.57 2.09 2.65
C GLU A 17 -24.52 1.11 3.22
N PRO A 18 -23.98 0.16 2.38
CA PRO A 18 -23.07 -0.89 2.93
C PRO A 18 -21.70 -0.35 3.39
N ALA A 19 -21.14 -0.87 4.49
CA ALA A 19 -19.79 -0.48 4.92
C ALA A 19 -18.69 -1.06 3.98
N VAL A 20 -18.97 -2.23 3.39
CA VAL A 20 -18.12 -2.78 2.35
C VAL A 20 -18.97 -3.15 1.16
N ASP A 21 -18.55 -2.70 -0.04
CA ASP A 21 -19.35 -2.73 -1.24
C ASP A 21 -18.73 -3.50 -2.39
N ASP A 22 -19.32 -4.67 -2.65
CA ASP A 22 -18.92 -5.52 -3.73
C ASP A 22 -17.39 -5.65 -3.71
N PHE A 23 -16.87 -6.17 -2.62
CA PHE A 23 -15.46 -6.51 -2.54
C PHE A 23 -15.19 -7.83 -3.31
N ASN A 24 -14.41 -7.70 -4.40
CA ASN A 24 -14.04 -8.77 -5.33
CA ASN A 24 -14.07 -8.77 -5.31
C ASN A 24 -12.52 -8.83 -5.51
N LEU A 25 -11.94 -9.99 -5.20
CA LEU A 25 -10.49 -10.17 -5.20
C LEU A 25 -10.14 -11.65 -5.25
N HIS A 26 -9.09 -11.97 -6.00
CA HIS A 26 -8.59 -13.31 -6.04
C HIS A 26 -7.06 -13.26 -5.64
N ILE A 27 -6.75 -13.86 -4.51
CA ILE A 27 -5.37 -13.80 -3.97
C ILE A 27 -4.70 -15.12 -4.29
N ALA A 28 -3.57 -15.05 -4.94
CA ALA A 28 -2.80 -16.26 -5.24
C ALA A 28 -1.94 -16.70 -4.09
N ASP A 29 -1.50 -17.92 -4.16
CA ASP A 29 -0.66 -18.45 -3.12
C ASP A 29 0.59 -17.62 -2.99
N LYS A 30 0.96 -17.41 -1.75
CA LYS A 30 2.25 -16.79 -1.33
C LYS A 30 2.24 -15.23 -1.48
N GLU A 31 1.17 -14.65 -1.96
CA GLU A 31 1.06 -13.20 -1.99
C GLU A 31 0.99 -12.55 -0.62
N PHE A 32 1.62 -11.38 -0.54
CA PHE A 32 1.44 -10.48 0.64
C PHE A 32 0.59 -9.32 0.17
N ILE A 33 -0.70 -9.36 0.56
CA ILE A 33 -1.66 -8.41 0.02
C ILE A 33 -1.87 -7.34 1.07
N VAL A 34 -1.69 -6.10 0.67
CA VAL A 34 -2.01 -4.94 1.53
C VAL A 34 -3.32 -4.23 1.13
N PHE A 35 -4.25 -4.17 2.08
CA PHE A 35 -5.44 -3.34 1.91
C PHE A 35 -5.12 -1.97 2.56
N VAL A 36 -5.19 -0.91 1.77
CA VAL A 36 -4.80 0.41 2.23
C VAL A 36 -5.91 1.44 1.88
N GLY A 37 -6.13 2.39 2.79
CA GLY A 37 -7.08 3.50 2.44
C GLY A 37 -7.14 4.46 3.62
N PRO A 38 -8.00 5.49 3.55
CA PRO A 38 -8.12 6.42 4.66
C PRO A 38 -9.08 5.88 5.69
N SER A 39 -9.24 6.60 6.79
CA SER A 39 -10.30 6.29 7.76
C SER A 39 -11.61 5.86 7.16
N GLY A 40 -12.24 4.81 7.71
CA GLY A 40 -13.50 4.32 7.14
C GLY A 40 -13.46 3.73 5.73
N CYS A 41 -12.32 3.18 5.30
CA CYS A 41 -12.25 2.62 3.94
C CYS A 41 -12.92 1.28 3.83
N GLY A 42 -13.16 0.64 4.96
CA GLY A 42 -13.69 -0.70 5.02
C GLY A 42 -12.63 -1.83 5.03
N ALA A 43 -11.32 -1.54 5.05
CA ALA A 43 -10.27 -2.58 5.06
C ALA A 43 -10.33 -3.46 6.31
N SER A 44 -10.49 -2.85 7.48
CA SER A 44 -10.41 -3.56 8.69
C SER A 44 -11.67 -4.47 8.88
N THR A 45 -12.82 -3.95 8.48
CA THR A 45 -14.05 -4.73 8.42
C THR A 45 -13.91 -5.98 7.53
N THR A 46 -13.26 -5.78 6.39
CA THR A 46 -13.05 -6.87 5.42
C THR A 46 -12.17 -7.89 6.02
N LEU A 47 -11.10 -7.44 6.68
CA LEU A 47 -10.21 -8.39 7.35
C LEU A 47 -10.92 -9.22 8.41
N ARG A 48 -11.83 -8.60 9.16
N ARG A 48 -11.81 -8.57 9.16
CA ARG A 48 -12.57 -9.29 10.21
CA ARG A 48 -12.61 -9.24 10.20
C ARG A 48 -13.65 -10.20 9.63
C ARG A 48 -13.58 -10.23 9.58
N MET A 49 -14.16 -9.88 8.43
CA MET A 49 -15.00 -10.82 7.69
C MET A 49 -14.24 -12.04 7.26
N VAL A 50 -12.96 -11.86 6.88
CA VAL A 50 -12.09 -12.93 6.47
C VAL A 50 -11.78 -13.82 7.70
N ALA A 51 -11.47 -13.20 8.84
CA ALA A 51 -11.19 -13.89 10.07
C ALA A 51 -12.40 -14.69 10.56
N GLY A 52 -13.61 -14.15 10.30
CA GLY A 52 -14.86 -14.74 10.75
C GLY A 52 -15.32 -14.15 12.08
N LEU A 53 -14.75 -12.99 12.44
CA LEU A 53 -15.16 -12.19 13.60
C LEU A 53 -16.44 -11.43 13.29
N GLU A 54 -16.63 -11.09 12.04
CA GLU A 54 -17.85 -10.50 11.58
C GLU A 54 -18.41 -11.37 10.48
N GLU A 55 -19.72 -11.26 10.31
CA GLU A 55 -20.45 -12.03 9.36
C GLU A 55 -20.40 -11.32 8.03
N ILE A 56 -20.34 -12.09 6.96
CA ILE A 56 -20.55 -11.58 5.62
C ILE A 56 -22.04 -11.39 5.45
N SER A 57 -22.45 -10.18 5.07
CA SER A 57 -23.83 -9.90 4.64
C SER A 57 -24.21 -10.56 3.35
N LYS A 58 -23.37 -10.43 2.31
CA LYS A 58 -23.64 -11.04 1.00
C LYS A 58 -22.32 -11.46 0.35
N GLY A 59 -22.41 -12.50 -0.47
CA GLY A 59 -21.33 -13.03 -1.27
C GLY A 59 -20.52 -14.13 -0.62
N ASP A 60 -19.60 -14.68 -1.40
CA ASP A 60 -18.88 -15.90 -1.00
C ASP A 60 -17.40 -15.69 -0.73
N PHE A 61 -16.94 -16.26 0.38
CA PHE A 61 -15.52 -16.28 0.75
C PHE A 61 -14.95 -17.69 0.76
N TYR A 62 -13.93 -17.93 -0.09
CA TYR A 62 -13.34 -19.21 -0.25
C TYR A 62 -11.89 -19.22 0.18
N ILE A 63 -11.51 -20.32 0.82
CA ILE A 63 -10.11 -20.64 1.13
C ILE A 63 -9.78 -21.98 0.53
N GLU A 64 -8.79 -22.01 -0.36
CA GLU A 64 -8.57 -23.20 -1.21
C GLU A 64 -9.89 -23.77 -1.78
N GLY A 65 -10.80 -22.90 -2.23
CA GLY A 65 -12.01 -23.33 -2.93
C GLY A 65 -13.09 -23.96 -2.04
N LYS A 66 -12.97 -23.77 -0.71
CA LYS A 66 -13.98 -24.13 0.25
C LYS A 66 -14.58 -22.88 0.76
N ARG A 67 -15.90 -22.79 0.65
CA ARG A 67 -16.68 -21.67 1.17
C ARG A 67 -16.64 -21.78 2.66
N VAL A 68 -16.11 -20.76 3.31
CA VAL A 68 -15.99 -20.72 4.76
C VAL A 68 -16.78 -19.61 5.41
N ASN A 69 -17.76 -19.03 4.72
CA ASN A 69 -18.56 -17.95 5.35
C ASN A 69 -19.16 -18.39 6.73
N ASP A 70 -19.61 -19.65 6.80
CA ASP A 70 -20.33 -20.21 7.95
C ASP A 70 -19.42 -20.93 8.96
N VAL A 71 -18.14 -21.03 8.62
CA VAL A 71 -17.14 -21.71 9.42
C VAL A 71 -16.67 -20.79 10.51
N ALA A 72 -16.47 -21.35 11.70
CA ALA A 72 -16.01 -20.59 12.86
C ALA A 72 -14.55 -20.18 12.70
N PRO A 73 -14.15 -19.05 13.29
CA PRO A 73 -12.77 -18.54 13.13
C PRO A 73 -11.68 -19.54 13.37
N LYS A 74 -11.86 -20.35 14.39
CA LYS A 74 -10.84 -21.28 14.81
C LYS A 74 -10.65 -22.44 13.85
N ASP A 75 -11.66 -22.70 13.02
CA ASP A 75 -11.63 -23.78 12.02
C ASP A 75 -11.24 -23.32 10.61
N ARG A 76 -10.97 -22.03 10.41
CA ARG A 76 -10.61 -21.51 9.10
C ARG A 76 -9.13 -21.70 8.69
N ASP A 77 -8.29 -22.18 9.58
CA ASP A 77 -6.82 -22.31 9.27
C ASP A 77 -6.10 -20.94 8.97
N ILE A 78 -6.58 -19.96 9.69
CA ILE A 78 -6.11 -18.60 9.63
C ILE A 78 -5.44 -18.36 10.99
N ALA A 79 -4.32 -17.63 11.01
CA ALA A 79 -3.67 -17.13 12.22
C ALA A 79 -3.77 -15.58 12.26
N MET A 80 -4.47 -15.03 13.29
CA MET A 80 -4.60 -13.60 13.52
C MET A 80 -3.29 -13.32 14.25
N VAL A 81 -2.24 -12.97 13.52
CA VAL A 81 -0.86 -12.99 14.05
C VAL A 81 -0.65 -12.16 15.32
N PHE A 82 -1.29 -11.00 15.35
CA PHE A 82 -1.21 -10.06 16.50
C PHE A 82 -2.30 -10.10 17.61
N GLN A 83 -3.11 -11.17 17.62
CA GLN A 83 -4.12 -11.43 18.64
C GLN A 83 -3.49 -12.24 19.78
N ASN A 84 -3.86 -11.88 21.02
CA ASN A 84 -3.35 -12.53 22.25
C ASN A 84 -1.82 -12.54 22.29
N TYR A 85 -1.28 -11.38 21.94
CA TYR A 85 0.15 -11.23 21.61
C TYR A 85 1.06 -11.17 22.87
N ALA A 86 0.48 -10.97 24.06
CA ALA A 86 1.28 -10.75 25.26
C ALA A 86 2.05 -12.00 25.62
N LEU A 87 3.22 -11.79 26.19
CA LEU A 87 4.07 -12.90 26.56
C LEU A 87 3.73 -13.27 27.98
N TYR A 88 3.88 -14.54 28.27
CA TYR A 88 3.93 -14.98 29.66
C TYR A 88 5.28 -14.66 30.28
N PRO A 89 5.33 -13.73 31.25
CA PRO A 89 6.66 -13.31 31.72
C PRO A 89 7.48 -14.40 32.40
N HIS A 90 6.84 -15.47 32.90
CA HIS A 90 7.54 -16.53 33.65
C HIS A 90 7.86 -17.73 32.83
N MET A 91 7.49 -17.73 31.56
CA MET A 91 7.92 -18.79 30.65
C MET A 91 9.09 -18.42 29.72
N THR A 92 9.80 -19.43 29.27
CA THR A 92 10.90 -19.14 28.42
C THR A 92 10.32 -18.69 27.07
N VAL A 93 11.19 -18.08 26.27
CA VAL A 93 10.94 -17.97 24.78
C VAL A 93 10.35 -19.29 24.25
N TYR A 94 11.10 -20.41 24.34
CA TYR A 94 10.65 -21.74 23.89
C TYR A 94 9.22 -22.05 24.31
N ASP A 95 8.92 -21.80 25.58
CA ASP A 95 7.66 -22.17 26.13
C ASP A 95 6.56 -21.22 25.68
N ASN A 96 6.86 -19.93 25.57
CA ASN A 96 5.90 -18.95 25.03
C ASN A 96 5.54 -19.28 23.58
N ILE A 97 6.47 -19.80 22.83
CA ILE A 97 6.15 -20.21 21.42
C ILE A 97 5.44 -21.54 21.33
N ALA A 98 5.79 -22.44 22.22
CA ALA A 98 5.18 -23.82 22.30
C ALA A 98 3.75 -23.94 22.88
N PHE A 99 3.23 -22.89 23.50
CA PHE A 99 2.21 -22.97 24.53
C PHE A 99 0.92 -23.58 23.96
N GLY A 100 0.58 -23.11 22.78
CA GLY A 100 -0.60 -23.52 22.03
C GLY A 100 -0.48 -24.92 21.54
N LEU A 101 0.76 -25.34 21.20
CA LEU A 101 0.99 -26.70 20.82
C LEU A 101 0.88 -27.60 22.05
N LYS A 102 1.38 -27.14 23.20
CA LYS A 102 1.20 -27.94 24.43
C LYS A 102 -0.27 -28.17 24.76
N LEU A 103 -1.06 -27.09 24.87
CA LEU A 103 -2.52 -27.14 24.96
C LEU A 103 -3.17 -28.10 23.98
N ARG A 104 -2.60 -28.26 22.79
CA ARG A 104 -3.10 -29.21 21.81
C ARG A 104 -2.58 -30.60 22.02
N LYS A 105 -1.76 -30.83 23.05
CA LYS A 105 -1.26 -32.18 23.37
C LYS A 105 -0.37 -32.79 22.26
N MET A 106 0.24 -31.93 21.47
CA MET A 106 1.14 -32.42 20.43
C MET A 106 2.33 -33.10 21.15
N PRO A 107 2.88 -34.18 20.56
CA PRO A 107 4.02 -34.81 21.18
C PRO A 107 5.21 -33.86 21.34
N LYS A 108 5.91 -33.98 22.47
CA LYS A 108 7.08 -33.17 22.80
C LYS A 108 8.13 -33.08 21.71
N PRO A 109 8.47 -34.18 21.03
CA PRO A 109 9.50 -34.08 19.99
C PRO A 109 9.04 -33.29 18.77
N GLU A 110 7.75 -33.38 18.46
CA GLU A 110 7.31 -32.67 17.29
C GLU A 110 7.27 -31.16 17.65
N ILE A 111 6.76 -30.85 18.87
CA ILE A 111 6.91 -29.54 19.45
C ILE A 111 8.30 -28.99 19.29
N LYS A 112 9.29 -29.68 19.82
CA LYS A 112 10.70 -29.28 19.64
C LYS A 112 11.14 -28.96 18.22
N LYS A 113 10.70 -29.75 17.26
CA LYS A 113 11.11 -29.56 15.86
C LYS A 113 10.53 -28.29 15.24
N ARG A 114 9.30 -27.98 15.61
CA ARG A 114 8.62 -26.86 15.00
C ARG A 114 9.14 -25.58 15.68
N VAL A 115 9.29 -25.63 17.03
CA VAL A 115 9.79 -24.53 17.80
C VAL A 115 11.16 -24.14 17.29
N GLU A 116 12.04 -25.09 17.06
CA GLU A 116 13.42 -24.72 16.69
C GLU A 116 13.43 -24.12 15.34
N GLU A 117 12.62 -24.64 14.45
CA GLU A 117 12.48 -24.08 13.14
C GLU A 117 11.97 -22.62 13.14
N ALA A 118 11.00 -22.34 14.00
CA ALA A 118 10.50 -21.02 14.06
C ALA A 118 11.60 -20.08 14.61
N ALA A 119 12.36 -20.56 15.59
CA ALA A 119 13.33 -19.73 16.25
C ALA A 119 14.41 -19.32 15.26
N LYS A 120 14.78 -20.25 14.41
CA LYS A 120 15.74 -19.95 13.35
C LYS A 120 15.21 -18.89 12.37
N ILE A 121 13.94 -18.95 12.05
CA ILE A 121 13.37 -17.97 11.13
C ILE A 121 13.24 -16.58 11.79
N LEU A 122 12.97 -16.54 13.08
CA LEU A 122 12.95 -15.32 13.83
C LEU A 122 14.28 -14.81 14.34
N GLY A 123 15.39 -15.54 14.14
CA GLY A 123 16.65 -15.14 14.68
C GLY A 123 16.79 -15.24 16.20
N LEU A 124 16.08 -16.21 16.77
CA LEU A 124 16.02 -16.42 18.22
C LEU A 124 16.60 -17.73 18.73
N GLU A 125 17.36 -18.44 17.92
CA GLU A 125 17.89 -19.75 18.23
C GLU A 125 18.78 -19.74 19.46
N GLU A 126 19.55 -18.67 19.68
CA GLU A 126 20.40 -18.59 20.90
C GLU A 126 19.64 -18.19 22.16
N TYR A 127 18.36 -17.84 22.00
CA TYR A 127 17.59 -17.25 23.10
C TYR A 127 16.49 -18.15 23.62
N LEU A 128 16.47 -19.38 23.12
CA LEU A 128 15.28 -20.27 23.28
C LEU A 128 14.99 -20.54 24.76
N HIS A 129 16.04 -20.62 25.57
CA HIS A 129 15.84 -20.88 26.98
C HIS A 129 15.98 -19.71 27.92
N ARG A 130 15.84 -18.48 27.37
CA ARG A 130 15.84 -17.30 28.18
C ARG A 130 14.43 -16.88 28.45
N LYS A 131 14.29 -16.11 29.49
CA LYS A 131 13.00 -15.47 29.76
C LYS A 131 12.89 -14.12 28.97
N PRO A 132 11.66 -13.61 28.75
CA PRO A 132 11.43 -12.35 27.93
C PRO A 132 12.19 -11.16 28.43
N LYS A 133 12.29 -11.05 29.74
CA LYS A 133 12.98 -9.94 30.35
C LYS A 133 14.46 -9.87 30.03
N ALA A 134 15.03 -10.98 29.67
CA ALA A 134 16.42 -11.05 29.30
C ALA A 134 16.65 -10.66 27.79
N LEU A 135 15.58 -10.48 27.04
CA LEU A 135 15.63 -10.01 25.61
C LEU A 135 15.45 -8.51 25.56
N SER A 136 16.04 -7.87 24.55
CA SER A 136 15.79 -6.49 24.32
C SER A 136 14.34 -6.31 23.81
N GLY A 137 13.86 -5.09 23.77
CA GLY A 137 12.53 -4.76 23.23
C GLY A 137 12.34 -5.24 21.78
N GLY A 138 13.39 -5.05 20.97
CA GLY A 138 13.36 -5.49 19.57
C GLY A 138 13.28 -7.01 19.44
N GLN A 139 14.08 -7.73 20.21
CA GLN A 139 14.06 -9.18 20.18
C GLN A 139 12.74 -9.71 20.78
N ARG A 140 12.30 -9.11 21.88
CA ARG A 140 11.14 -9.55 22.66
CA ARG A 140 11.17 -9.60 22.66
C ARG A 140 9.89 -9.50 21.80
N GLN A 141 9.73 -8.46 20.97
CA GLN A 141 8.49 -8.40 20.11
C GLN A 141 8.46 -9.43 18.98
N ARG A 142 9.55 -10.14 18.71
CA ARG A 142 9.52 -11.19 17.77
C ARG A 142 8.94 -12.50 18.31
N VAL A 143 8.95 -12.68 19.62
CA VAL A 143 8.65 -14.01 20.19
C VAL A 143 7.25 -14.53 19.84
N ALA A 144 6.25 -13.70 20.09
CA ALA A 144 4.90 -14.12 19.84
C ALA A 144 4.56 -14.41 18.35
N LEU A 145 5.34 -13.90 17.38
CA LEU A 145 5.24 -14.35 15.99
C LEU A 145 5.46 -15.85 15.86
N GLY A 146 6.36 -16.44 16.67
CA GLY A 146 6.60 -17.88 16.59
C GLY A 146 5.32 -18.71 16.87
N ARG A 147 4.40 -18.22 17.70
CA ARG A 147 3.12 -18.88 17.93
C ARG A 147 2.33 -18.99 16.61
N ALA A 148 2.39 -17.97 15.75
CA ALA A 148 1.79 -18.03 14.42
C ALA A 148 2.52 -19.00 13.52
N ILE A 149 3.83 -19.01 13.54
CA ILE A 149 4.58 -19.85 12.58
C ILE A 149 4.37 -21.34 12.93
N VAL A 150 4.35 -21.68 14.22
CA VAL A 150 4.25 -23.14 14.61
C VAL A 150 2.87 -23.72 14.30
N ARG A 151 1.90 -22.83 14.16
CA ARG A 151 0.52 -23.17 13.84
C ARG A 151 0.40 -23.76 12.43
N ASP A 152 1.36 -23.48 11.57
CA ASP A 152 1.35 -23.97 10.24
C ASP A 152 0.05 -23.59 9.48
N ALA A 153 -0.34 -22.31 9.59
CA ALA A 153 -1.54 -21.80 9.02
C ALA A 153 -1.42 -21.53 7.52
N LYS A 154 -2.59 -21.56 6.91
CA LYS A 154 -2.68 -21.28 5.47
C LYS A 154 -2.63 -19.82 5.14
N VAL A 155 -3.14 -18.97 6.03
N VAL A 155 -3.15 -19.00 6.06
CA VAL A 155 -3.08 -17.54 5.85
CA VAL A 155 -3.34 -17.56 5.92
C VAL A 155 -2.91 -16.81 7.17
C VAL A 155 -2.90 -16.83 7.22
N PHE A 156 -2.10 -15.77 7.09
CA PHE A 156 -1.86 -14.81 8.22
C PHE A 156 -2.70 -13.55 8.03
N LEU A 157 -3.38 -13.10 9.07
CA LEU A 157 -4.03 -11.81 9.07
C LEU A 157 -3.35 -10.84 10.01
N MET A 158 -3.10 -9.62 9.51
CA MET A 158 -2.41 -8.52 10.30
C MET A 158 -3.13 -7.18 10.17
N ASP A 159 -3.77 -6.75 11.24
CA ASP A 159 -4.60 -5.48 11.19
C ASP A 159 -3.79 -4.38 11.80
N GLU A 160 -3.16 -3.60 10.94
CA GLU A 160 -2.45 -2.39 11.38
C GLU A 160 -1.54 -2.58 12.60
N PRO A 161 -0.70 -3.58 12.55
CA PRO A 161 0.13 -3.90 13.68
C PRO A 161 1.21 -2.87 14.06
N LEU A 162 1.62 -1.99 13.15
CA LEU A 162 2.63 -0.96 13.46
C LEU A 162 2.06 0.31 14.13
N SER A 163 0.72 0.48 14.10
CA SER A 163 0.07 1.77 14.49
C SER A 163 0.35 2.32 15.91
N ASN A 164 0.41 1.44 16.90
CA ASN A 164 0.66 1.81 18.29
C ASN A 164 2.15 1.69 18.76
N LEU A 165 3.05 1.17 17.93
CA LEU A 165 4.46 1.02 18.32
C LEU A 165 5.21 2.35 18.33
N ASP A 166 6.21 2.49 19.19
CA ASP A 166 7.09 3.63 19.04
C ASP A 166 8.03 3.45 17.85
N ALA A 167 8.61 4.59 17.42
CA ALA A 167 9.36 4.71 16.15
C ALA A 167 10.42 3.60 15.97
N LYS A 168 11.13 3.34 17.03
CA LYS A 168 12.25 2.40 17.02
C LYS A 168 11.73 0.93 16.92
N LEU A 169 10.71 0.62 17.71
CA LEU A 169 10.07 -0.71 17.63
C LEU A 169 9.31 -0.88 16.32
N ARG A 170 8.74 0.19 15.78
CA ARG A 170 8.03 0.13 14.50
C ARG A 170 8.89 -0.25 13.31
N VAL A 171 10.06 0.34 13.21
CA VAL A 171 11.02 0.07 12.15
C VAL A 171 11.38 -1.43 12.21
N GLN A 172 11.61 -1.95 13.42
CA GLN A 172 12.01 -3.35 13.60
C GLN A 172 10.89 -4.38 13.32
N MET A 173 9.67 -4.04 13.69
CA MET A 173 8.54 -4.90 13.38
C MET A 173 8.24 -4.96 11.91
N ARG A 174 8.29 -3.82 11.27
CA ARG A 174 8.08 -3.75 9.87
C ARG A 174 9.06 -4.65 9.15
N ALA A 175 10.29 -4.58 9.55
CA ALA A 175 11.33 -5.42 8.94
C ALA A 175 11.12 -6.92 9.23
N GLU A 176 10.64 -7.22 10.40
CA GLU A 176 10.38 -8.61 10.82
C GLU A 176 9.28 -9.19 9.97
N ILE A 177 8.27 -8.39 9.75
CA ILE A 177 7.17 -8.86 8.90
C ILE A 177 7.58 -9.12 7.48
N ILE A 178 8.39 -8.21 6.92
CA ILE A 178 8.92 -8.45 5.63
C ILE A 178 9.76 -9.71 5.52
N LYS A 179 10.67 -9.91 6.48
CA LYS A 179 11.44 -11.14 6.53
C LYS A 179 10.62 -12.39 6.67
N LEU A 180 9.67 -12.36 7.57
CA LEU A 180 8.81 -13.51 7.78
C LEU A 180 8.06 -13.92 6.50
N HIS A 181 7.75 -12.97 5.65
CA HIS A 181 7.08 -13.26 4.42
C HIS A 181 8.08 -13.82 3.44
N GLN A 182 9.28 -13.29 3.42
CA GLN A 182 10.35 -13.80 2.51
C GLN A 182 10.76 -15.25 2.86
N ARG A 183 10.82 -15.59 4.15
CA ARG A 183 11.29 -16.87 4.57
CA ARG A 183 11.29 -16.86 4.59
C ARG A 183 10.18 -17.94 4.54
N LEU A 184 8.94 -17.61 4.90
CA LEU A 184 7.84 -18.58 4.94
C LEU A 184 6.92 -18.53 3.75
N GLN A 185 6.81 -17.38 3.09
CA GLN A 185 5.84 -17.16 2.01
C GLN A 185 4.40 -17.54 2.29
N THR A 186 3.89 -17.30 3.48
CA THR A 186 2.48 -17.59 3.82
C THR A 186 1.56 -16.52 3.20
N THR A 187 0.47 -16.94 2.52
CA THR A 187 -0.50 -15.94 2.02
C THR A 187 -1.00 -15.05 3.17
N THR A 188 -0.81 -13.75 3.00
CA THR A 188 -1.04 -12.79 4.04
C THR A 188 -1.93 -11.65 3.61
N ILE A 189 -2.82 -11.22 4.51
CA ILE A 189 -3.53 -9.93 4.31
C ILE A 189 -3.13 -8.98 5.42
N TYR A 190 -2.64 -7.80 5.04
CA TYR A 190 -2.13 -6.78 5.96
C TYR A 190 -2.95 -5.53 5.71
N VAL A 191 -3.59 -5.00 6.75
CA VAL A 191 -4.38 -3.76 6.65
C VAL A 191 -3.55 -2.60 7.22
N THR A 192 -3.46 -1.53 6.46
CA THR A 192 -2.86 -0.27 6.98
C THR A 192 -3.57 0.98 6.43
N HIS A 193 -3.31 2.13 7.09
CA HIS A 193 -3.62 3.45 6.49
C HIS A 193 -2.41 4.17 5.90
N ASP A 194 -1.24 3.54 5.95
CA ASP A 194 -0.01 4.16 5.55
C ASP A 194 0.44 3.73 4.18
N GLN A 195 0.37 4.64 3.22
CA GLN A 195 0.66 4.31 1.81
CA GLN A 195 0.68 4.39 1.79
C GLN A 195 2.13 3.91 1.60
N THR A 196 3.07 4.41 2.42
CA THR A 196 4.45 3.93 2.26
C THR A 196 4.67 2.45 2.60
N GLU A 197 4.01 2.01 3.66
CA GLU A 197 3.98 0.57 4.01
C GLU A 197 3.39 -0.28 2.91
N ALA A 198 2.25 0.20 2.35
CA ALA A 198 1.62 -0.50 1.25
C ALA A 198 2.61 -0.63 0.06
N LEU A 199 3.28 0.45 -0.30
CA LEU A 199 4.18 0.42 -1.48
C LEU A 199 5.43 -0.50 -1.26
N THR A 200 5.92 -0.50 -0.04
CA THR A 200 7.17 -1.21 0.25
C THR A 200 6.98 -2.63 0.82
N MET A 201 5.80 -2.98 1.34
CA MET A 201 5.59 -4.33 1.84
C MET A 201 4.80 -5.29 0.93
N ALA A 202 3.98 -4.76 0.02
CA ALA A 202 3.04 -5.63 -0.73
C ALA A 202 3.61 -6.30 -1.97
N THR A 203 3.09 -7.51 -2.28
CA THR A 203 3.10 -8.08 -3.64
C THR A 203 2.02 -7.36 -4.52
N ARG A 204 0.85 -7.19 -3.89
CA ARG A 204 -0.22 -6.41 -4.51
C ARG A 204 -0.96 -5.63 -3.46
N ILE A 205 -1.51 -4.49 -3.93
CA ILE A 205 -2.30 -3.62 -3.07
C ILE A 205 -3.76 -3.48 -3.52
N VAL A 206 -4.64 -3.34 -2.55
CA VAL A 206 -6.08 -3.08 -2.78
C VAL A 206 -6.23 -1.71 -2.15
N VAL A 207 -6.37 -0.71 -2.97
CA VAL A 207 -6.70 0.66 -2.49
C VAL A 207 -8.22 0.83 -2.28
N MET A 208 -8.62 1.20 -1.08
CA MET A 208 -10.01 1.28 -0.73
C MET A 208 -10.39 2.71 -0.26
N LYS A 209 -11.62 3.09 -0.55
CA LYS A 209 -12.19 4.34 -0.05
C LYS A 209 -13.69 4.16 0.13
N ASP A 210 -14.17 4.52 1.30
CA ASP A 210 -15.59 4.47 1.62
C ASP A 210 -16.22 3.09 1.37
N GLY A 211 -15.45 2.00 1.58
CA GLY A 211 -15.93 0.66 1.38
C GLY A 211 -15.85 0.15 -0.04
N LYS A 212 -15.25 0.90 -0.93
CA LYS A 212 -15.24 0.54 -2.32
C LYS A 212 -13.81 0.36 -2.77
N ILE A 213 -13.55 -0.76 -3.42
CA ILE A 213 -12.25 -0.96 -4.08
C ILE A 213 -12.01 0.06 -5.17
N GLN A 214 -10.96 0.86 -5.02
CA GLN A 214 -10.56 1.85 -6.06
C GLN A 214 -9.67 1.26 -7.11
N GLN A 215 -8.78 0.37 -6.68
CA GLN A 215 -7.81 -0.17 -7.61
C GLN A 215 -7.16 -1.37 -6.95
N ILE A 216 -6.82 -2.34 -7.81
CA ILE A 216 -6.04 -3.51 -7.40
C ILE A 216 -4.85 -3.61 -8.29
N GLY A 217 -3.64 -3.80 -7.72
CA GLY A 217 -2.45 -3.86 -8.61
C GLY A 217 -1.17 -4.01 -7.79
N THR A 218 -0.10 -4.35 -8.48
CA THR A 218 1.24 -4.32 -7.87
C THR A 218 1.52 -2.86 -7.49
N PRO A 219 2.37 -2.67 -6.49
CA PRO A 219 2.74 -1.31 -6.12
C PRO A 219 3.22 -0.47 -7.29
N LYS A 220 3.97 -1.05 -8.21
CA LYS A 220 4.43 -0.27 -9.34
C LYS A 220 3.30 0.11 -10.29
N ASP A 221 2.39 -0.82 -10.49
CA ASP A 221 1.27 -0.54 -11.37
C ASP A 221 0.32 0.53 -10.82
N VAL A 222 0.01 0.44 -9.54
CA VAL A 222 -0.86 1.38 -8.92
C VAL A 222 -0.23 2.80 -8.94
N TYR A 223 1.05 2.88 -8.63
CA TYR A 223 1.81 4.12 -8.68
C TYR A 223 1.89 4.73 -10.05
N GLU A 224 2.25 3.97 -11.05
CA GLU A 224 2.45 4.49 -12.40
C GLU A 224 1.13 4.78 -13.18
N PHE A 225 0.06 4.03 -12.91
CA PHE A 225 -1.20 4.08 -13.65
C PHE A 225 -2.36 4.13 -12.68
N PRO A 226 -2.50 5.22 -11.98
CA PRO A 226 -3.58 5.31 -10.96
C PRO A 226 -4.94 5.35 -11.69
N GLU A 227 -5.93 4.68 -11.11
CA GLU A 227 -7.24 4.49 -11.77
C GLU A 227 -8.00 5.80 -11.82
N ASN A 228 -7.77 6.64 -10.83
CA ASN A 228 -8.51 7.93 -10.70
C ASN A 228 -7.69 8.93 -9.91
N VAL A 229 -8.28 10.10 -9.67
CA VAL A 229 -7.56 11.18 -9.07
C VAL A 229 -7.34 10.87 -7.61
N PHE A 230 -8.31 10.26 -6.92
CA PHE A 230 -8.10 9.90 -5.55
C PHE A 230 -6.86 8.96 -5.42
N VAL A 231 -6.76 7.95 -6.26
CA VAL A 231 -5.60 6.99 -6.13
C VAL A 231 -4.25 7.70 -6.38
N GLY A 232 -4.22 8.55 -7.42
CA GLY A 232 -3.11 9.36 -7.80
C GLY A 232 -2.63 10.26 -6.71
N GLY A 233 -3.56 10.79 -5.90
CA GLY A 233 -3.25 11.63 -4.78
C GLY A 233 -2.91 10.98 -3.46
N PHE A 234 -3.27 9.72 -3.36
CA PHE A 234 -3.13 8.95 -2.11
C PHE A 234 -1.85 8.11 -2.12
N ILE A 235 -1.40 7.70 -3.28
CA ILE A 235 -0.29 6.78 -3.37
C ILE A 235 0.86 7.58 -3.84
N GLY A 236 1.93 7.63 -3.04
CA GLY A 236 3.11 8.42 -3.41
C GLY A 236 3.17 9.55 -2.45
N SER A 237 4.36 10.00 -2.15
CA SER A 237 4.54 11.13 -1.26
C SER A 237 5.91 11.78 -1.61
N PRO A 238 5.97 13.02 -2.16
CA PRO A 238 4.84 13.87 -2.41
C PRO A 238 4.05 13.23 -3.56
N ALA A 239 2.73 13.29 -3.47
CA ALA A 239 1.89 12.55 -4.43
C ALA A 239 1.72 13.33 -5.75
N MET A 240 0.85 12.86 -6.64
CA MET A 240 0.80 13.39 -7.98
C MET A 240 0.34 14.84 -7.89
N ASN A 241 0.88 15.68 -8.79
CA ASN A 241 0.42 17.06 -8.99
C ASN A 241 -0.82 16.96 -9.94
N PHE A 242 -1.85 17.75 -9.60
CA PHE A 242 -3.08 17.84 -10.49
C PHE A 242 -3.38 19.26 -10.89
N PHE A 243 -3.64 19.44 -12.18
CA PHE A 243 -3.91 20.72 -12.79
C PHE A 243 -5.26 20.67 -13.53
N LYS A 244 -6.01 21.75 -13.50
CA LYS A 244 -7.20 21.90 -14.43
C LYS A 244 -6.68 22.60 -15.66
N GLY A 245 -6.95 22.07 -16.86
CA GLY A 245 -6.73 22.82 -18.09
C GLY A 245 -7.74 22.47 -19.22
N LYS A 246 -7.54 23.09 -20.33
CA LYS A 246 -8.46 23.01 -21.45
C LYS A 246 -7.62 22.37 -22.53
N LEU A 247 -8.13 21.30 -23.08
CA LEU A 247 -7.38 20.56 -24.12
C LEU A 247 -7.71 21.15 -25.48
N THR A 248 -6.71 21.47 -26.28
CA THR A 248 -6.93 21.78 -27.70
C THR A 248 -6.37 20.64 -28.56
N ASP A 249 -6.40 20.84 -29.88
CA ASP A 249 -5.69 19.91 -30.78
C ASP A 249 -4.15 20.02 -30.67
N GLY A 250 -3.60 19.12 -29.85
CA GLY A 250 -2.15 19.06 -29.61
C GLY A 250 -1.58 19.78 -28.37
N LEU A 251 -2.38 20.54 -27.64
CA LEU A 251 -1.88 21.38 -26.49
C LEU A 251 -2.82 21.18 -25.32
N ILE A 252 -2.28 21.22 -24.09
CA ILE A 252 -3.11 21.42 -22.92
C ILE A 252 -2.68 22.77 -22.36
N LYS A 253 -3.66 23.63 -22.09
CA LYS A 253 -3.41 25.01 -21.64
C LYS A 253 -3.82 25.02 -20.23
N ILE A 254 -2.83 25.23 -19.37
CA ILE A 254 -3.01 25.28 -17.93
C ILE A 254 -2.72 26.69 -17.52
N GLY A 255 -3.73 27.42 -17.06
CA GLY A 255 -3.54 28.84 -16.71
C GLY A 255 -3.05 29.49 -17.98
N SER A 256 -1.94 30.20 -17.92
CA SER A 256 -1.37 30.82 -19.11
C SER A 256 -0.24 29.98 -19.68
N ALA A 257 0.00 28.79 -19.16
CA ALA A 257 0.93 27.86 -19.80
C ALA A 257 0.25 27.03 -20.91
N ALA A 258 1.05 26.55 -21.84
CA ALA A 258 0.59 25.69 -22.94
C ALA A 258 1.63 24.57 -23.18
N LEU A 259 1.24 23.33 -22.87
CA LEU A 259 2.13 22.16 -22.97
C LEU A 259 1.75 21.26 -24.13
N THR A 260 2.73 20.91 -24.95
CA THR A 260 2.47 19.96 -26.05
C THR A 260 2.11 18.58 -25.63
N VAL A 261 0.98 18.09 -26.16
CA VAL A 261 0.58 16.78 -25.85
C VAL A 261 1.14 15.79 -26.90
N PRO A 262 1.91 14.76 -26.48
CA PRO A 262 2.37 13.72 -27.40
C PRO A 262 1.30 13.15 -28.34
N GLU A 263 1.66 13.05 -29.63
CA GLU A 263 0.73 12.65 -30.69
C GLU A 263 -0.01 11.39 -30.38
N GLY A 264 0.71 10.38 -29.89
CA GLY A 264 0.11 9.10 -29.50
C GLY A 264 -1.06 9.29 -28.56
N LYS A 265 -0.84 10.07 -27.49
CA LYS A 265 -1.89 10.36 -26.50
C LYS A 265 -2.99 11.24 -27.10
N MET A 266 -2.57 12.20 -27.92
CA MET A 266 -3.46 13.20 -28.51
C MET A 266 -4.54 12.53 -29.39
N LYS A 267 -4.08 11.54 -30.14
CA LYS A 267 -4.93 10.74 -30.98
C LYS A 267 -6.07 10.13 -30.19
N VAL A 268 -5.78 9.58 -29.03
CA VAL A 268 -6.82 8.88 -28.30
C VAL A 268 -7.80 9.84 -27.66
N LEU A 269 -7.23 10.92 -27.10
CA LEU A 269 -8.02 11.96 -26.49
C LEU A 269 -9.03 12.55 -27.52
N ARG A 270 -8.52 12.93 -28.71
CA ARG A 270 -9.33 13.30 -29.88
C ARG A 270 -10.47 12.30 -30.10
N GLU A 271 -10.12 11.05 -30.29
CA GLU A 271 -11.13 10.01 -30.60
C GLU A 271 -12.16 9.86 -29.48
N LYS A 272 -11.77 10.11 -28.24
CA LYS A 272 -12.74 10.01 -27.11
C LYS A 272 -13.55 11.31 -26.94
N GLY A 273 -13.20 12.31 -27.75
CA GLY A 273 -13.98 13.53 -27.88
C GLY A 273 -13.67 14.54 -26.79
N TYR A 274 -12.39 14.59 -26.34
CA TYR A 274 -11.96 15.58 -25.34
C TYR A 274 -11.42 16.92 -25.83
N ILE A 275 -11.16 17.05 -27.16
CA ILE A 275 -10.71 18.34 -27.72
C ILE A 275 -11.74 19.44 -27.41
N GLY A 276 -11.24 20.55 -26.87
CA GLY A 276 -12.00 21.68 -26.43
C GLY A 276 -12.64 21.58 -25.08
N LYS A 277 -12.44 20.49 -24.34
CA LYS A 277 -13.08 20.32 -23.04
C LYS A 277 -12.04 20.57 -21.91
N GLU A 278 -12.58 20.80 -20.72
CA GLU A 278 -11.77 20.96 -19.51
C GLU A 278 -11.44 19.55 -19.07
N VAL A 279 -10.16 19.30 -18.72
CA VAL A 279 -9.70 17.98 -18.28
C VAL A 279 -8.76 18.23 -17.05
N ILE A 280 -8.62 17.20 -16.23
CA ILE A 280 -7.64 17.17 -15.13
CA ILE A 280 -7.64 17.19 -15.12
C ILE A 280 -6.35 16.56 -15.69
N PHE A 281 -5.22 17.27 -15.53
CA PHE A 281 -3.90 16.75 -15.94
C PHE A 281 -3.07 16.43 -14.67
N GLY A 282 -2.54 15.22 -14.58
CA GLY A 282 -1.80 14.73 -13.39
C GLY A 282 -0.37 14.40 -13.79
N ILE A 283 0.61 14.73 -12.91
CA ILE A 283 1.97 14.42 -13.25
C ILE A 283 2.76 14.37 -11.95
N ARG A 284 3.59 13.33 -11.87
CA ARG A 284 4.35 13.12 -10.68
C ARG A 284 5.49 14.15 -10.52
N PRO A 285 5.81 14.57 -9.29
CA PRO A 285 7.00 15.43 -9.01
C PRO A 285 8.31 15.05 -9.66
N GLU A 286 8.63 13.73 -9.72
CA GLU A 286 9.88 13.30 -10.37
C GLU A 286 9.86 13.46 -11.82
N ASP A 287 8.66 13.61 -12.42
CA ASP A 287 8.54 13.83 -13.86
C ASP A 287 8.51 15.26 -14.33
N ILE A 288 8.65 16.17 -13.40
CA ILE A 288 8.95 17.53 -13.70
C ILE A 288 10.46 17.77 -13.51
N HIS A 289 11.14 18.09 -14.62
CA HIS A 289 12.57 18.06 -14.62
C HIS A 289 13.22 19.40 -14.57
N ASP A 290 14.40 19.40 -14.00
CA ASP A 290 15.33 20.55 -14.02
C ASP A 290 15.85 20.60 -15.46
N GLU A 291 15.29 21.51 -16.24
CA GLU A 291 15.50 21.56 -17.68
C GLU A 291 16.94 21.74 -18.09
N LEU A 292 17.70 22.53 -17.33
CA LEU A 292 19.16 22.72 -17.55
C LEU A 292 19.98 21.39 -17.61
N ILE A 293 19.67 20.52 -16.66
CA ILE A 293 20.47 19.36 -16.31
C ILE A 293 20.01 18.14 -17.08
N VAL A 294 18.71 17.95 -17.23
CA VAL A 294 18.19 16.68 -17.81
C VAL A 294 18.79 16.52 -19.23
N VAL A 295 19.27 15.31 -19.58
CA VAL A 295 19.87 15.00 -20.91
C VAL A 295 18.81 15.05 -22.04
N GLU A 296 17.61 14.54 -21.75
CA GLU A 296 16.49 14.60 -22.68
C GLU A 296 16.08 16.04 -23.05
N SER A 297 15.61 16.14 -24.29
CA SER A 297 14.92 17.31 -24.80
C SER A 297 13.43 17.01 -24.68
N TYR A 298 12.72 18.00 -24.15
CA TYR A 298 11.28 17.94 -24.03
C TYR A 298 10.76 19.03 -24.96
N LYS A 299 9.85 18.59 -25.84
CA LYS A 299 9.39 19.39 -26.98
C LYS A 299 8.22 20.26 -26.49
N ASN A 300 8.52 21.55 -26.26
CA ASN A 300 7.52 22.54 -25.91
C ASN A 300 6.66 22.15 -24.69
N SER A 301 7.32 21.73 -23.62
CA SER A 301 6.61 21.43 -22.40
C SER A 301 7.42 21.98 -21.19
N SER A 302 8.02 23.16 -21.39
CA SER A 302 8.84 23.86 -20.41
C SER A 302 8.04 25.02 -19.92
N ILE A 303 8.26 25.42 -18.68
CA ILE A 303 7.73 26.65 -18.18
C ILE A 303 8.74 27.27 -17.26
N LYS A 304 8.61 28.58 -17.05
CA LYS A 304 9.43 29.28 -16.04
C LYS A 304 8.66 29.32 -14.74
N ALA A 305 9.21 28.72 -13.71
CA ALA A 305 8.54 28.59 -12.44
C ALA A 305 9.29 29.37 -11.37
N LYS A 306 8.55 30.03 -10.49
CA LYS A 306 9.13 30.74 -9.35
C LYS A 306 9.35 29.76 -8.23
N ILE A 307 10.55 29.75 -7.64
CA ILE A 307 10.83 28.83 -6.56
C ILE A 307 10.31 29.46 -5.29
N ASN A 308 9.20 28.97 -4.78
CA ASN A 308 8.70 29.45 -3.47
C ASN A 308 9.63 28.98 -2.36
N VAL A 309 9.93 27.69 -2.37
CA VAL A 309 10.78 27.01 -1.41
C VAL A 309 11.56 25.96 -2.16
N ALA A 310 12.82 25.80 -1.77
CA ALA A 310 13.63 24.69 -2.26
C ALA A 310 14.17 23.96 -1.06
N GLU A 311 13.88 22.66 -0.95
CA GLU A 311 14.17 21.86 0.29
C GLU A 311 15.12 20.77 -0.15
N LEU A 312 16.34 20.75 0.43
CA LEU A 312 17.32 19.68 0.17
C LEU A 312 16.94 18.46 0.99
N LEU A 313 16.81 17.34 0.35
CA LEU A 313 16.52 16.09 1.05
C LEU A 313 17.51 15.09 0.45
N GLY A 314 18.61 14.87 1.14
CA GLY A 314 19.65 13.97 0.66
C GLY A 314 20.21 14.45 -0.64
N SER A 315 20.19 13.61 -1.67
CA SER A 315 20.69 13.95 -3.00
C SER A 315 19.60 14.60 -3.90
N GLU A 316 18.45 14.99 -3.33
CA GLU A 316 17.40 15.62 -4.16
C GLU A 316 16.99 16.95 -3.61
N ILE A 317 16.38 17.76 -4.48
CA ILE A 317 15.75 19.02 -4.09
C ILE A 317 14.23 18.97 -4.39
N MET A 318 13.40 19.24 -3.37
CA MET A 318 11.96 19.47 -3.58
C MET A 318 11.70 20.96 -3.83
N ILE A 319 11.15 21.25 -5.00
CA ILE A 319 10.82 22.59 -5.40
C ILE A 319 9.30 22.82 -5.30
N TYR A 320 8.89 23.83 -4.55
CA TYR A 320 7.51 24.20 -4.37
C TYR A 320 7.28 25.43 -5.22
N SER A 321 6.31 25.34 -6.14
CA SER A 321 6.05 26.39 -7.08
C SER A 321 4.54 26.40 -7.52
N GLN A 322 4.29 26.95 -8.69
CA GLN A 322 2.94 27.07 -9.27
C GLN A 322 2.97 27.36 -10.72
N ILE A 323 1.89 26.96 -11.38
CA ILE A 323 1.50 27.50 -12.67
C ILE A 323 0.29 28.43 -12.39
N ASP A 324 0.52 29.72 -12.48
CA ASP A 324 -0.46 30.72 -12.09
C ASP A 324 -0.93 30.45 -10.70
N ASN A 325 -2.20 30.14 -10.52
CA ASN A 325 -2.73 29.84 -9.23
C ASN A 325 -2.77 28.32 -8.87
N GLN A 326 -2.11 27.46 -9.66
CA GLN A 326 -2.19 26.02 -9.45
C GLN A 326 -0.79 25.52 -8.95
N ASP A 327 -0.72 25.27 -7.67
CA ASP A 327 0.49 24.76 -6.97
C ASP A 327 0.99 23.41 -7.54
N PHE A 328 2.32 23.19 -7.55
CA PHE A 328 2.96 21.92 -7.83
C PHE A 328 4.32 21.79 -7.07
N ILE A 329 4.76 20.57 -7.00
CA ILE A 329 6.05 20.18 -6.41
C ILE A 329 6.78 19.44 -7.47
N ALA A 330 8.04 19.85 -7.69
CA ALA A 330 8.97 19.09 -8.52
C ALA A 330 10.10 18.50 -7.64
N ARG A 331 10.61 17.37 -8.05
CA ARG A 331 11.62 16.58 -7.30
C ARG A 331 12.74 16.40 -8.29
N ILE A 332 13.77 17.18 -8.11
CA ILE A 332 14.95 17.20 -8.98
C ILE A 332 16.26 16.69 -8.21
N ASP A 333 17.29 16.30 -8.95
CA ASP A 333 18.67 16.06 -8.40
C ASP A 333 19.27 17.36 -7.79
N ALA A 334 19.85 17.19 -6.61
CA ALA A 334 20.51 18.37 -5.95
C ALA A 334 21.58 19.04 -6.89
N ARG A 335 21.65 20.36 -6.85
CA ARG A 335 22.45 21.25 -7.70
C ARG A 335 22.63 22.44 -6.71
N LEU A 336 23.74 23.19 -6.68
CA LEU A 336 23.91 24.42 -5.78
C LEU A 336 23.32 25.85 -6.05
N ASP A 337 23.17 26.24 -7.30
CA ASP A 337 22.65 27.60 -7.58
C ASP A 337 21.23 27.82 -7.06
N ILE A 338 20.45 26.74 -7.17
CA ILE A 338 19.01 26.69 -6.88
C ILE A 338 18.66 27.22 -5.48
N GLN A 339 17.97 28.35 -5.43
CA GLN A 339 17.62 29.02 -4.17
C GLN A 339 16.19 29.46 -4.11
N SER A 340 15.63 29.36 -2.90
CA SER A 340 14.29 29.87 -2.66
C SER A 340 14.24 31.26 -3.20
N GLY A 341 13.18 31.64 -3.85
CA GLY A 341 13.07 32.95 -4.46
C GLY A 341 13.50 33.20 -5.88
N ASP A 342 14.37 32.38 -6.47
CA ASP A 342 14.80 32.48 -7.89
C ASP A 342 13.72 31.92 -8.85
N GLU A 343 13.98 32.03 -10.14
CA GLU A 343 13.21 31.41 -11.16
C GLU A 343 13.94 30.18 -11.68
N LEU A 344 13.21 29.21 -12.16
CA LEU A 344 13.77 27.93 -12.64
C LEU A 344 12.92 27.45 -13.82
N THR A 345 13.56 27.05 -14.91
CA THR A 345 12.83 26.39 -16.02
C THR A 345 12.70 24.94 -15.79
N VAL A 346 11.47 24.46 -15.83
CA VAL A 346 11.22 23.10 -15.61
C VAL A 346 10.61 22.55 -16.90
N ALA A 347 10.78 21.26 -17.10
CA ALA A 347 10.25 20.61 -18.28
C ALA A 347 9.37 19.49 -17.76
N PHE A 348 8.10 19.54 -18.15
CA PHE A 348 7.19 18.47 -17.89
C PHE A 348 7.47 17.30 -18.88
N ASP A 349 7.66 16.11 -18.32
CA ASP A 349 7.70 14.92 -19.19
C ASP A 349 6.28 14.50 -19.52
N MET A 350 5.80 14.94 -20.69
CA MET A 350 4.40 14.68 -21.06
C MET A 350 4.15 13.21 -21.40
N ASN A 351 5.20 12.43 -21.65
CA ASN A 351 5.00 10.97 -21.77
C ASN A 351 4.57 10.32 -20.47
N LYS A 352 4.83 11.00 -19.34
CA LYS A 352 4.41 10.53 -18.00
C LYS A 352 3.22 11.26 -17.42
N GLY A 353 2.64 12.18 -18.18
CA GLY A 353 1.43 12.86 -17.78
C GLY A 353 0.22 11.99 -17.96
N HIS A 354 -0.76 12.16 -17.09
CA HIS A 354 -2.02 11.46 -17.21
C HIS A 354 -3.16 12.45 -17.29
N PHE A 355 -4.24 12.01 -17.92
CA PHE A 355 -5.43 12.88 -18.12
C PHE A 355 -6.61 12.18 -17.48
N PHE A 356 -7.38 12.92 -16.76
CA PHE A 356 -8.46 12.37 -15.99
C PHE A 356 -9.73 13.20 -16.38
N ASP A 357 -10.87 12.54 -16.37
CA ASP A 357 -12.17 13.22 -16.75
C ASP A 357 -12.57 14.16 -15.62
N SER A 358 -12.94 15.41 -15.95
CA SER A 358 -13.29 16.44 -14.97
C SER A 358 -14.50 16.12 -14.17
N GLU A 359 -15.44 15.40 -14.76
CA GLU A 359 -16.63 15.04 -14.03
C GLU A 359 -16.45 13.77 -13.24
N THR A 360 -15.92 12.74 -13.84
CA THR A 360 -15.79 11.46 -13.13
C THR A 360 -14.46 11.35 -12.31
N GLU A 361 -13.44 12.12 -12.70
CA GLU A 361 -12.08 11.99 -12.07
C GLU A 361 -11.43 10.67 -12.36
N VAL A 362 -12.02 9.90 -13.29
CA VAL A 362 -11.47 8.60 -13.67
C VAL A 362 -10.41 8.84 -14.74
N ARG A 363 -9.33 8.06 -14.72
CA ARG A 363 -8.23 8.27 -15.72
C ARG A 363 -8.68 7.82 -17.09
N ILE A 364 -8.30 8.54 -18.11
CA ILE A 364 -8.74 8.33 -19.46
C ILE A 364 -7.64 7.49 -20.04
N ARG A 365 -8.04 6.26 -20.43
CA ARG A 365 -7.10 5.23 -20.88
C ARG A 365 -6.62 5.59 -22.22
N LEU A 366 -5.40 6.11 -22.26
CA LEU A 366 -4.60 6.21 -23.47
C LEU A 366 -3.63 4.99 -23.45
N GLU A 367 -3.33 4.46 -22.25
CA GLU A 367 -2.87 3.06 -22.05
C GLU A 367 -3.26 2.49 -20.65
#